data_3Q6S
#
_entry.id   3Q6S
#
_cell.length_a   76.816
_cell.length_b   108.893
_cell.length_c   41.938
_cell.angle_alpha   90.00
_cell.angle_beta   90.00
_cell.angle_gamma   90.00
#
_symmetry.space_group_name_H-M   'P 21 21 2'
#
loop_
_entity.id
_entity.type
_entity.pdbx_description
1 polymer 'Chromobox protein homolog 1'
2 polymer 'Shugoshin-like 1'
3 water water
#
loop_
_entity_poly.entity_id
_entity_poly.type
_entity_poly.pdbx_seq_one_letter_code
_entity_poly.pdbx_strand_id
1 'polypeptide(L)' EKPRGFARGLEPERIIGATDSSGELMFLMKWKNSDEADLVPAKEANVKCPQVVISFYEERLTWHSYPSEDDDKKDDKN A,B,C,D
2 'polypeptide(L)' TNVSLYPVVKIRRLSLSPK E,F
#
# COMPACT_ATOMS: atom_id res chain seq x y z
N LYS A 2 30.07 2.63 5.49
CA LYS A 2 29.40 3.22 6.64
C LYS A 2 28.13 3.98 6.27
N PRO A 3 28.09 4.64 5.08
CA PRO A 3 26.92 5.50 4.85
C PRO A 3 25.63 4.67 4.71
N ARG A 4 24.62 5.05 5.49
CA ARG A 4 23.32 4.41 5.43
C ARG A 4 22.26 5.50 5.48
N GLY A 5 21.03 5.15 5.11
CA GLY A 5 19.94 6.10 5.11
C GLY A 5 20.08 7.11 3.98
N PHE A 6 19.55 8.31 4.22
CA PHE A 6 19.59 9.37 3.23
C PHE A 6 21.06 9.71 2.91
N ALA A 7 21.98 9.34 3.81
CA ALA A 7 23.39 9.65 3.59
C ALA A 7 23.94 8.89 2.38
N ARG A 8 23.27 7.82 1.96
CA ARG A 8 23.70 7.10 0.78
C ARG A 8 23.55 7.97 -0.44
N GLY A 9 22.79 9.06 -0.32
CA GLY A 9 22.50 9.89 -1.46
C GLY A 9 21.66 9.25 -2.55
N LEU A 10 20.78 8.33 -2.18
CA LEU A 10 19.87 7.70 -3.16
C LEU A 10 18.46 8.23 -2.96
N GLU A 11 17.61 8.05 -3.97
CA GLU A 11 16.23 8.52 -3.91
C GLU A 11 15.28 7.51 -3.24
N PRO A 12 14.41 7.98 -2.31
CA PRO A 12 13.43 7.12 -1.68
C PRO A 12 12.48 6.46 -2.69
N GLU A 13 12.29 5.16 -2.56
CA GLU A 13 11.32 4.46 -3.41
C GLU A 13 10.01 4.25 -2.63
N ARG A 14 10.08 3.48 -1.55
N ARG A 14 10.09 3.52 -1.52
CA ARG A 14 8.92 3.29 -0.70
CA ARG A 14 8.90 3.28 -0.71
C ARG A 14 9.35 2.98 0.74
C ARG A 14 9.27 2.84 0.71
N ILE A 15 8.46 3.26 1.67
CA ILE A 15 8.62 2.82 3.06
C ILE A 15 7.96 1.46 3.27
N ILE A 16 8.70 0.50 3.79
CA ILE A 16 8.18 -0.85 3.90
C ILE A 16 7.92 -1.31 5.35
N GLY A 17 8.28 -0.51 6.34
CA GLY A 17 8.02 -0.90 7.74
C GLY A 17 8.26 0.30 8.64
N ALA A 18 7.91 0.18 9.92
CA ALA A 18 8.16 1.25 10.89
C ALA A 18 8.38 0.65 12.29
N THR A 19 9.18 1.31 13.10
CA THR A 19 9.32 0.88 14.49
C THR A 19 9.65 2.07 15.37
N ASP A 20 9.11 2.09 16.59
CA ASP A 20 9.52 3.12 17.55
C ASP A 20 10.28 2.56 18.77
N SER A 21 10.80 1.33 18.65
CA SER A 21 11.65 0.71 19.72
C SER A 21 12.87 1.50 20.22
N SER A 22 13.46 2.27 19.33
CA SER A 22 14.62 3.09 19.64
C SER A 22 14.28 4.29 20.51
N GLY A 23 12.97 4.51 20.71
CA GLY A 23 12.49 5.70 21.39
C GLY A 23 12.11 6.86 20.45
N GLU A 24 12.42 6.72 19.16
CA GLU A 24 11.84 7.63 18.17
C GLU A 24 11.34 6.80 16.99
N LEU A 25 10.39 7.35 16.25
CA LEU A 25 9.83 6.64 15.10
C LEU A 25 10.84 6.51 13.95
N MET A 26 11.03 5.29 13.46
CA MET A 26 11.99 5.05 12.36
C MET A 26 11.26 4.34 11.24
N PHE A 27 11.56 4.65 9.98
CA PHE A 27 10.91 3.97 8.86
C PHE A 27 11.94 3.14 8.15
N LEU A 28 11.53 1.97 7.73
CA LEU A 28 12.41 1.15 6.91
C LEU A 28 12.20 1.55 5.44
N MET A 29 13.24 2.10 4.84
CA MET A 29 13.13 2.76 3.55
C MET A 29 13.81 1.96 2.46
N LYS A 30 13.09 1.66 1.39
CA LYS A 30 13.73 1.13 0.19
C LYS A 30 14.11 2.28 -0.72
N TRP A 31 15.23 2.13 -1.43
CA TRP A 31 15.79 3.19 -2.28
C TRP A 31 15.78 2.79 -3.75
N LYS A 32 15.53 3.76 -4.64
CA LYS A 32 15.52 3.48 -6.08
C LYS A 32 16.90 3.05 -6.53
N ASN A 33 16.94 2.07 -7.44
CA ASN A 33 18.18 1.56 -8.03
C ASN A 33 19.11 0.86 -7.05
N SER A 34 18.53 0.31 -6.00
CA SER A 34 19.28 -0.40 -4.99
C SER A 34 18.40 -1.48 -4.39
N ASP A 35 19.01 -2.58 -3.96
CA ASP A 35 18.29 -3.63 -3.26
C ASP A 35 18.42 -3.50 -1.76
N GLU A 36 19.06 -2.43 -1.30
CA GLU A 36 19.19 -2.19 0.13
C GLU A 36 18.06 -1.35 0.74
N ALA A 37 17.73 -1.64 2.00
CA ALA A 37 16.78 -0.80 2.76
C ALA A 37 17.41 -0.48 4.12
N ASP A 38 17.17 0.72 4.66
CA ASP A 38 17.78 1.20 5.91
C ASP A 38 16.70 1.84 6.75
N LEU A 39 16.87 1.84 8.07
CA LEU A 39 16.02 2.65 8.94
C LEU A 39 16.41 4.12 8.86
N VAL A 40 15.43 4.99 8.74
CA VAL A 40 15.65 6.42 8.70
C VAL A 40 14.67 7.02 9.73
N PRO A 41 15.03 8.16 10.34
CA PRO A 41 14.15 8.84 11.29
C PRO A 41 12.93 9.34 10.56
N ALA A 42 11.76 9.13 11.13
CA ALA A 42 10.54 9.73 10.60
C ALA A 42 10.67 11.25 10.46
N LYS A 43 11.36 11.90 11.41
CA LYS A 43 11.54 13.35 11.37
C LYS A 43 12.18 13.77 10.07
N GLU A 44 13.07 12.92 9.57
CA GLU A 44 13.81 13.22 8.34
C GLU A 44 12.98 12.86 7.12
N ALA A 45 12.46 11.64 7.08
CA ALA A 45 11.56 11.24 6.03
C ALA A 45 10.33 12.16 5.86
N ASN A 46 9.74 12.62 6.95
CA ASN A 46 8.55 13.44 6.84
C ASN A 46 8.75 14.64 5.94
N VAL A 47 9.93 15.25 6.02
CA VAL A 47 10.19 16.45 5.19
C VAL A 47 10.88 16.16 3.86
N LYS A 48 11.74 15.15 3.82
CA LYS A 48 12.49 14.87 2.60
C LYS A 48 11.65 14.12 1.55
N CYS A 49 10.68 13.33 2.00
CA CYS A 49 9.76 12.69 1.05
C CYS A 49 8.35 12.58 1.68
N PRO A 50 7.64 13.71 1.81
CA PRO A 50 6.35 13.66 2.49
C PRO A 50 5.38 12.72 1.82
N GLN A 51 5.37 12.68 0.50
CA GLN A 51 4.38 11.84 -0.18
C GLN A 51 4.63 10.34 -0.02
N VAL A 52 5.90 9.97 0.10
CA VAL A 52 6.28 8.58 0.40
C VAL A 52 5.82 8.15 1.80
N VAL A 53 5.96 9.06 2.75
CA VAL A 53 5.45 8.82 4.10
C VAL A 53 3.91 8.65 4.07
N ILE A 54 3.24 9.59 3.43
CA ILE A 54 1.79 9.55 3.36
C ILE A 54 1.29 8.26 2.70
N SER A 55 1.95 7.83 1.63
N SER A 55 1.93 7.80 1.62
CA SER A 55 1.63 6.56 0.96
CA SER A 55 1.52 6.54 1.00
C SER A 55 1.70 5.35 1.89
C SER A 55 1.68 5.33 1.92
N PHE A 56 2.76 5.29 2.71
CA PHE A 56 2.92 4.23 3.74
C PHE A 56 1.72 4.20 4.69
N TYR A 57 1.30 5.36 5.15
CA TYR A 57 0.21 5.40 6.13
C TYR A 57 -1.13 5.06 5.47
N GLU A 58 -1.35 5.63 4.29
CA GLU A 58 -2.63 5.45 3.58
C GLU A 58 -2.93 4.00 3.32
N GLU A 59 -1.89 3.24 3.03
CA GLU A 59 -2.04 1.79 2.80
C GLU A 59 -2.34 0.96 4.04
N ARG A 60 -2.17 1.53 5.24
CA ARG A 60 -2.26 0.78 6.49
C ARG A 60 -3.38 1.23 7.41
N LEU A 61 -4.37 1.92 6.84
CA LEU A 61 -5.52 2.37 7.62
C LEU A 61 -6.38 1.19 8.02
N THR A 62 -6.82 1.21 9.28
CA THR A 62 -7.80 0.30 9.76
C THR A 62 -8.81 1.12 10.59
N TRP A 63 -10.08 0.84 10.38
CA TRP A 63 -11.16 1.71 10.85
C TRP A 63 -11.93 1.08 12.01
N HIS A 64 -12.43 1.93 12.90
CA HIS A 64 -13.34 1.53 13.95
C HIS A 64 -14.40 2.63 14.05
N SER A 65 -15.45 2.39 14.81
CA SER A 65 -16.41 3.47 14.96
C SER A 65 -17.05 3.44 16.35
N TYR A 66 -17.60 4.59 16.73
CA TYR A 66 -18.42 4.68 17.93
C TYR A 66 -19.29 5.94 17.84
N PRO A 67 -20.43 5.94 18.55
CA PRO A 67 -21.40 7.04 18.44
C PRO A 67 -20.86 8.44 18.78
N LYS B 2 -9.35 0.08 -36.08
CA LYS B 2 -8.83 -1.21 -35.64
C LYS B 2 -8.69 -1.30 -34.13
N PRO B 3 -9.50 -2.16 -33.49
CA PRO B 3 -9.53 -2.28 -32.02
C PRO B 3 -8.18 -2.65 -31.43
N ARG B 4 -7.97 -2.23 -30.19
CA ARG B 4 -6.75 -2.57 -29.44
C ARG B 4 -7.09 -3.02 -28.02
N GLY B 5 -6.21 -3.80 -27.41
CA GLY B 5 -6.43 -4.26 -26.05
C GLY B 5 -7.71 -5.06 -25.91
N PHE B 6 -8.39 -4.83 -24.80
CA PHE B 6 -9.59 -5.57 -24.44
C PHE B 6 -10.70 -5.37 -25.45
N ALA B 7 -10.62 -4.28 -26.21
CA ALA B 7 -11.63 -3.99 -27.23
C ALA B 7 -11.58 -5.00 -28.37
N ARG B 8 -10.52 -5.81 -28.42
CA ARG B 8 -10.44 -6.79 -29.49
C ARG B 8 -11.35 -7.99 -29.26
N GLY B 9 -11.97 -8.05 -28.10
CA GLY B 9 -12.91 -9.10 -27.76
C GLY B 9 -12.27 -10.44 -27.39
N LEU B 10 -10.94 -10.47 -27.27
CA LEU B 10 -10.21 -11.71 -27.00
C LEU B 10 -10.07 -12.03 -25.51
N GLU B 11 -9.92 -13.31 -25.19
CA GLU B 11 -9.70 -13.72 -23.81
C GLU B 11 -8.21 -13.50 -23.47
N PRO B 12 -7.95 -12.85 -22.34
CA PRO B 12 -6.56 -12.65 -21.89
C PRO B 12 -5.89 -13.99 -21.61
N GLU B 13 -4.66 -14.16 -22.05
CA GLU B 13 -3.91 -15.38 -21.70
C GLU B 13 -2.85 -15.21 -20.58
N ARG B 14 -2.00 -14.19 -20.72
CA ARG B 14 -0.82 -14.08 -19.89
C ARG B 14 -0.22 -12.70 -20.07
N ILE B 15 0.17 -12.09 -18.96
CA ILE B 15 0.92 -10.85 -19.03
C ILE B 15 2.38 -11.16 -19.23
N ILE B 16 2.95 -10.52 -20.24
CA ILE B 16 4.33 -10.84 -20.54
C ILE B 16 5.28 -9.76 -20.13
N GLY B 17 4.76 -8.60 -19.74
CA GLY B 17 5.64 -7.57 -19.21
C GLY B 17 4.84 -6.36 -18.79
N ALA B 18 5.54 -5.38 -18.26
CA ALA B 18 4.85 -4.25 -17.67
C ALA B 18 5.72 -3.02 -17.84
N THR B 19 5.06 -1.88 -18.05
CA THR B 19 5.78 -0.60 -18.12
C THR B 19 4.95 0.51 -17.49
N ASP B 20 5.64 1.50 -16.93
CA ASP B 20 4.95 2.66 -16.35
C ASP B 20 5.40 3.93 -17.05
N SER B 21 5.98 3.77 -18.22
CA SER B 21 6.54 4.91 -18.95
C SER B 21 5.44 5.90 -19.36
N SER B 22 4.23 5.40 -19.60
CA SER B 22 3.14 6.26 -20.03
C SER B 22 2.59 7.10 -18.86
N GLY B 23 3.25 7.02 -17.71
CA GLY B 23 2.78 7.66 -16.50
C GLY B 23 1.68 6.86 -15.85
N GLU B 24 1.50 5.63 -16.32
CA GLU B 24 0.44 4.77 -15.83
C GLU B 24 0.92 3.32 -16.01
N LEU B 25 0.62 2.46 -15.05
CA LEU B 25 1.04 1.08 -15.18
C LEU B 25 0.27 0.40 -16.31
N MET B 26 1.01 -0.07 -17.32
CA MET B 26 0.42 -0.80 -18.44
C MET B 26 1.00 -2.23 -18.46
N PHE B 27 0.21 -3.21 -18.89
CA PHE B 27 0.67 -4.61 -18.97
C PHE B 27 0.70 -4.94 -20.46
N LEU B 28 1.75 -5.61 -20.93
CA LEU B 28 1.74 -6.17 -22.28
C LEU B 28 1.01 -7.50 -22.20
N MET B 29 -0.17 -7.57 -22.80
CA MET B 29 -1.01 -8.74 -22.68
C MET B 29 -0.92 -9.69 -23.87
N LYS B 30 -0.68 -10.96 -23.60
CA LYS B 30 -0.88 -11.96 -24.62
C LYS B 30 -2.32 -12.44 -24.56
N TRP B 31 -2.99 -12.46 -25.72
CA TRP B 31 -4.40 -12.88 -25.81
C TRP B 31 -4.47 -14.31 -26.29
N LYS B 32 -5.46 -15.05 -25.80
CA LYS B 32 -5.67 -16.40 -26.28
C LYS B 32 -5.96 -16.39 -27.80
N ASN B 33 -5.25 -17.26 -28.51
CA ASN B 33 -5.45 -17.45 -29.94
C ASN B 33 -4.88 -16.36 -30.82
N SER B 34 -4.03 -15.51 -30.26
CA SER B 34 -3.34 -14.52 -31.05
C SER B 34 -1.88 -14.36 -30.62
N ASP B 35 -0.98 -14.27 -31.60
CA ASP B 35 0.42 -13.99 -31.35
C ASP B 35 0.74 -12.50 -31.18
N GLU B 36 -0.24 -11.63 -31.45
CA GLU B 36 -0.02 -10.20 -31.34
C GLU B 36 -0.50 -9.69 -30.00
N ALA B 37 0.46 -9.35 -29.14
CA ALA B 37 0.18 -8.84 -27.79
C ALA B 37 0.04 -7.35 -27.86
N ASP B 38 -0.77 -6.76 -26.98
CA ASP B 38 -0.79 -5.30 -26.90
C ASP B 38 -0.95 -4.80 -25.47
N LEU B 39 -0.77 -3.49 -25.30
CA LEU B 39 -0.77 -2.88 -23.97
C LEU B 39 -2.18 -2.60 -23.45
N VAL B 40 -2.39 -2.87 -22.17
CA VAL B 40 -3.69 -2.64 -21.56
C VAL B 40 -3.45 -2.06 -20.18
N PRO B 41 -4.34 -1.17 -19.71
CA PRO B 41 -4.06 -0.58 -18.38
C PRO B 41 -4.18 -1.61 -17.28
N ALA B 42 -3.33 -1.53 -16.24
CA ALA B 42 -3.41 -2.48 -15.13
C ALA B 42 -4.74 -2.39 -14.39
N LYS B 43 -5.19 -1.15 -14.21
CA LYS B 43 -6.49 -0.87 -13.61
C LYS B 43 -7.57 -1.74 -14.25
N GLU B 44 -7.53 -1.82 -15.58
CA GLU B 44 -8.51 -2.57 -16.34
C GLU B 44 -8.29 -4.10 -16.26
N ALA B 45 -7.05 -4.57 -16.40
CA ALA B 45 -6.76 -6.01 -16.19
C ALA B 45 -7.14 -6.48 -14.77
N ASN B 46 -6.91 -5.63 -13.78
CA ASN B 46 -7.22 -6.01 -12.40
C ASN B 46 -8.68 -6.46 -12.30
N VAL B 47 -9.54 -5.73 -13.00
CA VAL B 47 -10.97 -5.92 -12.94
C VAL B 47 -11.43 -7.05 -13.83
N LYS B 48 -10.95 -7.06 -15.07
CA LYS B 48 -11.37 -8.04 -16.06
C LYS B 48 -10.71 -9.43 -16.02
N CYS B 49 -9.47 -9.52 -15.52
CA CYS B 49 -8.83 -10.83 -15.41
C CYS B 49 -7.90 -10.85 -14.21
N PRO B 50 -8.49 -10.81 -13.00
CA PRO B 50 -7.71 -10.80 -11.76
C PRO B 50 -6.71 -11.97 -11.65
N GLN B 51 -7.08 -13.16 -12.09
CA GLN B 51 -6.18 -14.30 -11.93
C GLN B 51 -4.93 -14.20 -12.80
N VAL B 52 -5.09 -13.61 -13.99
CA VAL B 52 -3.98 -13.39 -14.92
C VAL B 52 -3.00 -12.39 -14.31
N VAL B 53 -3.53 -11.37 -13.67
CA VAL B 53 -2.69 -10.36 -13.00
C VAL B 53 -1.98 -10.98 -11.79
N ILE B 54 -2.74 -11.70 -10.98
CA ILE B 54 -2.15 -12.33 -9.81
C ILE B 54 -1.04 -13.33 -10.20
N SER B 55 -1.26 -14.09 -11.29
N SER B 55 -1.26 -14.09 -11.29
CA SER B 55 -0.24 -15.03 -11.74
CA SER B 55 -0.24 -15.03 -11.75
C SER B 55 1.08 -14.32 -12.07
C SER B 55 1.07 -14.34 -12.08
N PHE B 56 0.97 -13.19 -12.75
CA PHE B 56 2.14 -12.39 -13.14
C PHE B 56 2.95 -11.89 -11.94
N TYR B 57 2.27 -11.32 -10.94
CA TYR B 57 2.93 -10.84 -9.72
C TYR B 57 3.49 -11.97 -8.89
N GLU B 58 2.68 -13.00 -8.68
CA GLU B 58 3.11 -14.12 -7.87
C GLU B 58 4.42 -14.76 -8.35
N GLU B 59 4.58 -14.91 -9.65
CA GLU B 59 5.83 -15.45 -10.21
C GLU B 59 7.03 -14.57 -9.94
N ARG B 60 6.77 -13.30 -9.61
CA ARG B 60 7.82 -12.32 -9.43
C ARG B 60 8.07 -11.94 -7.96
N LEU B 61 7.38 -12.64 -7.07
CA LEU B 61 7.50 -12.33 -5.65
C LEU B 61 8.80 -12.91 -5.10
N THR B 62 9.54 -12.10 -4.36
CA THR B 62 10.71 -12.60 -3.68
C THR B 62 10.78 -11.98 -2.28
N TRP B 63 11.81 -12.31 -1.52
CA TRP B 63 11.98 -11.80 -0.15
C TRP B 63 13.37 -11.23 -0.03
N HIS B 64 13.48 -10.07 0.62
CA HIS B 64 14.79 -9.49 0.92
C HIS B 64 14.97 -9.44 2.42
N SER B 65 16.21 -9.61 2.87
CA SER B 65 16.50 -9.51 4.29
C SER B 65 16.84 -8.06 4.65
N TYR B 66 16.03 -7.46 5.52
CA TYR B 66 16.19 -6.04 5.86
C TYR B 66 16.09 -5.76 7.36
N PRO B 67 16.75 -4.68 7.85
CA PRO B 67 17.54 -3.72 7.06
C PRO B 67 18.85 -4.21 6.48
N SER B 68 19.29 -3.42 5.49
CA SER B 68 20.58 -3.50 4.81
C SER B 68 20.48 -4.25 3.51
N PRO C 3 -11.72 -23.03 12.92
CA PRO C 3 -11.73 -21.80 13.70
C PRO C 3 -10.55 -20.87 13.28
N ARG C 4 -9.91 -21.19 12.16
CA ARG C 4 -8.79 -20.39 11.63
C ARG C 4 -8.98 -19.96 10.17
N GLY C 5 -8.40 -18.83 9.78
CA GLY C 5 -8.43 -18.39 8.39
C GLY C 5 -9.80 -18.00 7.87
N PHE C 6 -10.07 -18.36 6.63
CA PHE C 6 -11.38 -18.08 6.06
C PHE C 6 -12.52 -18.78 6.83
N ALA C 7 -12.21 -19.92 7.47
CA ALA C 7 -13.22 -20.60 8.31
C ALA C 7 -13.77 -19.71 9.43
N ARG C 8 -13.06 -18.64 9.78
CA ARG C 8 -13.56 -17.74 10.83
C ARG C 8 -14.80 -17.01 10.33
N GLY C 9 -14.97 -16.99 9.01
CA GLY C 9 -16.14 -16.37 8.42
C GLY C 9 -16.17 -14.85 8.44
N LEU C 10 -15.00 -14.23 8.57
CA LEU C 10 -14.87 -12.77 8.50
C LEU C 10 -14.48 -12.33 7.08
N GLU C 11 -14.55 -11.03 6.84
CA GLU C 11 -14.24 -10.47 5.54
C GLU C 11 -12.79 -10.01 5.50
N PRO C 12 -12.07 -10.33 4.41
CA PRO C 12 -10.68 -9.92 4.26
C PRO C 12 -10.58 -8.41 4.32
N GLU C 13 -9.56 -7.88 5.01
CA GLU C 13 -9.32 -6.44 5.00
C GLU C 13 -8.06 -6.12 4.16
N ARG C 14 -6.94 -6.73 4.52
CA ARG C 14 -5.67 -6.37 3.92
C ARG C 14 -4.70 -7.50 4.22
N ILE C 15 -3.85 -7.85 3.26
CA ILE C 15 -2.81 -8.85 3.51
C ILE C 15 -1.62 -8.13 4.09
N ILE C 16 -1.19 -8.55 5.27
CA ILE C 16 -0.12 -7.79 5.89
C ILE C 16 1.25 -8.42 5.62
N GLY C 17 1.30 -9.69 5.24
CA GLY C 17 2.60 -10.32 4.97
C GLY C 17 2.47 -11.56 4.12
N ALA C 18 3.60 -12.14 3.71
CA ALA C 18 3.58 -13.40 2.96
C ALA C 18 4.79 -14.27 3.31
N THR C 19 4.58 -15.57 3.39
CA THR C 19 5.70 -16.46 3.68
C THR C 19 5.69 -17.72 2.86
N ASP C 20 6.88 -18.26 2.63
CA ASP C 20 7.06 -19.56 1.99
C ASP C 20 7.08 -20.64 3.07
N SER C 21 5.95 -21.28 3.31
CA SER C 21 5.87 -22.35 4.29
C SER C 21 6.10 -23.68 3.60
N SER C 22 7.34 -24.14 3.69
CA SER C 22 7.82 -25.35 3.00
C SER C 22 7.25 -25.50 1.58
N GLY C 23 7.50 -24.50 0.74
CA GLY C 23 7.16 -24.57 -0.69
C GLY C 23 5.76 -24.14 -1.06
N GLU C 24 4.99 -23.67 -0.07
CA GLU C 24 3.62 -23.21 -0.29
C GLU C 24 3.44 -21.73 0.16
N LEU C 25 2.88 -20.91 -0.72
CA LEU C 25 2.75 -19.48 -0.41
C LEU C 25 1.63 -19.21 0.61
N MET C 26 1.94 -18.48 1.68
CA MET C 26 0.93 -18.19 2.71
C MET C 26 0.80 -16.69 2.86
N PHE C 27 -0.42 -16.19 3.08
CA PHE C 27 -0.60 -14.74 3.32
C PHE C 27 -1.01 -14.53 4.77
N LEU C 28 -0.44 -13.54 5.45
CA LEU C 28 -0.94 -13.14 6.75
C LEU C 28 -2.06 -12.14 6.50
N MET C 29 -3.29 -12.54 6.84
CA MET C 29 -4.47 -11.77 6.46
C MET C 29 -5.01 -11.06 7.67
N LYS C 30 -5.23 -9.76 7.54
CA LYS C 30 -5.99 -9.01 8.56
C LYS C 30 -7.46 -9.03 8.14
N TRP C 31 -8.35 -9.31 9.09
CA TRP C 31 -9.80 -9.42 8.82
C TRP C 31 -10.51 -8.18 9.30
N LYS C 32 -11.60 -7.83 8.61
CA LYS C 32 -12.40 -6.68 9.02
C LYS C 32 -12.96 -6.96 10.41
N ASN C 33 -12.84 -5.96 11.28
CA ASN C 33 -13.43 -6.05 12.60
C ASN C 33 -12.73 -7.05 13.52
N SER C 34 -11.41 -7.21 13.36
CA SER C 34 -10.64 -8.08 14.25
C SER C 34 -9.15 -7.72 14.25
N ASP C 35 -8.52 -7.56 15.41
CA ASP C 35 -7.05 -7.32 15.42
C ASP C 35 -6.21 -8.60 15.53
N GLU C 36 -6.83 -9.72 15.17
CA GLU C 36 -6.19 -11.00 15.22
C GLU C 36 -6.02 -11.52 13.80
N ALA C 37 -4.83 -11.34 13.26
CA ALA C 37 -4.55 -11.78 11.89
C ALA C 37 -4.12 -13.23 11.92
N ASP C 38 -4.32 -13.93 10.80
CA ASP C 38 -3.82 -15.29 10.70
C ASP C 38 -3.48 -15.68 9.27
N LEU C 39 -2.85 -16.83 9.11
CA LEU C 39 -2.29 -17.24 7.84
C LEU C 39 -3.36 -17.92 7.00
N VAL C 40 -3.38 -17.64 5.70
CA VAL C 40 -4.27 -18.29 4.76
C VAL C 40 -3.43 -18.69 3.55
N PRO C 41 -3.77 -19.81 2.91
CA PRO C 41 -3.04 -20.20 1.70
C PRO C 41 -3.32 -19.21 0.59
N ALA C 42 -2.29 -18.84 -0.16
CA ALA C 42 -2.44 -17.93 -1.28
C ALA C 42 -3.42 -18.49 -2.28
N LYS C 43 -3.43 -19.80 -2.47
CA LYS C 43 -4.37 -20.38 -3.44
C LYS C 43 -5.79 -20.07 -3.06
N GLU C 44 -6.06 -20.05 -1.75
CA GLU C 44 -7.42 -19.83 -1.28
C GLU C 44 -7.75 -18.35 -1.42
N ALA C 45 -6.83 -17.48 -0.98
CA ALA C 45 -7.05 -16.02 -1.12
C ALA C 45 -7.16 -15.55 -2.57
N ASN C 46 -6.34 -16.11 -3.48
CA ASN C 46 -6.40 -15.69 -4.89
C ASN C 46 -7.83 -15.76 -5.42
N VAL C 47 -8.53 -16.79 -4.98
CA VAL C 47 -9.87 -17.06 -5.44
C VAL C 47 -10.93 -16.32 -4.62
N LYS C 48 -10.80 -16.29 -3.29
CA LYS C 48 -11.83 -15.68 -2.46
C LYS C 48 -11.76 -14.16 -2.34
N CYS C 49 -10.57 -13.57 -2.45
CA CYS C 49 -10.45 -12.11 -2.39
C CYS C 49 -9.39 -11.57 -3.35
N PRO C 50 -9.58 -11.78 -4.63
CA PRO C 50 -8.49 -11.44 -5.56
C PRO C 50 -8.10 -9.98 -5.52
N GLN C 51 -9.02 -9.07 -5.20
CA GLN C 51 -8.58 -7.68 -5.25
C GLN C 51 -7.71 -7.35 -4.05
N VAL C 52 -7.90 -8.08 -2.96
CA VAL C 52 -7.09 -7.85 -1.77
C VAL C 52 -5.69 -8.39 -2.09
N VAL C 53 -5.63 -9.50 -2.83
CA VAL C 53 -4.34 -10.03 -3.26
C VAL C 53 -3.59 -9.10 -4.19
N ILE C 54 -4.28 -8.60 -5.21
CA ILE C 54 -3.70 -7.61 -6.11
C ILE C 54 -3.17 -6.33 -5.41
N SER C 55 -3.93 -5.83 -4.43
N SER C 55 -3.92 -5.80 -4.44
CA SER C 55 -3.52 -4.68 -3.67
CA SER C 55 -3.45 -4.64 -3.72
C SER C 55 -2.18 -4.99 -2.97
C SER C 55 -2.15 -5.00 -3.00
N PHE C 56 -2.11 -6.17 -2.36
CA PHE C 56 -0.88 -6.58 -1.64
C PHE C 56 0.31 -6.48 -2.62
N TYR C 57 0.18 -7.05 -3.81
CA TYR C 57 1.27 -7.05 -4.77
C TYR C 57 1.59 -5.64 -5.35
N GLU C 58 0.57 -4.88 -5.70
CA GLU C 58 0.77 -3.52 -6.20
C GLU C 58 1.59 -2.65 -5.26
N GLU C 59 1.34 -2.72 -3.96
CA GLU C 59 2.05 -1.82 -3.05
C GLU C 59 3.51 -2.23 -2.96
N ARG C 60 3.83 -3.42 -3.43
CA ARG C 60 5.18 -3.96 -3.23
C ARG C 60 6.00 -4.10 -4.50
N LEU C 61 5.56 -3.44 -5.56
CA LEU C 61 6.28 -3.46 -6.82
C LEU C 61 7.55 -2.64 -6.74
N THR C 62 8.62 -3.25 -7.25
CA THR C 62 9.92 -2.58 -7.31
C THR C 62 10.47 -2.83 -8.67
N TRP C 63 10.80 -1.75 -9.39
CA TRP C 63 11.44 -1.88 -10.69
C TRP C 63 12.92 -2.24 -10.55
N HIS C 64 13.42 -3.04 -11.48
CA HIS C 64 14.86 -3.30 -11.56
C HIS C 64 15.69 -2.01 -11.75
N SER C 65 15.16 -1.04 -12.47
CA SER C 65 15.87 0.24 -12.60
C SER C 65 14.92 1.44 -12.71
N TYR C 66 15.40 2.64 -12.39
CA TYR C 66 14.56 3.84 -12.47
C TYR C 66 15.24 4.93 -13.31
N PRO D 3 -18.96 28.53 -0.17
CA PRO D 3 -17.56 28.14 0.06
C PRO D 3 -17.45 27.08 1.16
N ARG D 4 -16.85 25.93 0.83
CA ARG D 4 -16.55 24.90 1.85
C ARG D 4 -15.14 24.36 1.67
N GLY D 5 -14.60 23.72 2.70
CA GLY D 5 -13.24 23.23 2.67
C GLY D 5 -12.17 24.26 2.33
N PHE D 6 -11.26 23.88 1.43
CA PHE D 6 -10.12 24.74 1.11
C PHE D 6 -10.59 26.01 0.37
N ALA D 7 -11.78 25.93 -0.22
CA ALA D 7 -12.32 27.08 -0.93
C ALA D 7 -12.67 28.24 0.01
N ARG D 8 -12.83 27.95 1.30
CA ARG D 8 -13.05 28.98 2.29
C ARG D 8 -11.85 29.92 2.51
N GLY D 9 -10.69 29.52 2.00
CA GLY D 9 -9.49 30.36 2.07
C GLY D 9 -8.87 30.51 3.45
N LEU D 10 -9.06 29.52 4.32
CA LEU D 10 -8.48 29.55 5.65
C LEU D 10 -7.24 28.67 5.71
N GLU D 11 -6.45 28.85 6.77
CA GLU D 11 -5.27 28.02 6.94
C GLU D 11 -5.64 26.79 7.76
N PRO D 12 -5.23 25.60 7.28
CA PRO D 12 -5.47 24.37 8.05
C PRO D 12 -4.77 24.43 9.40
N GLU D 13 -5.45 24.02 10.47
CA GLU D 13 -4.80 23.99 11.78
C GLU D 13 -4.42 22.55 12.17
N ARG D 14 -5.40 21.66 12.13
CA ARG D 14 -5.14 20.25 12.38
C ARG D 14 -6.33 19.46 11.90
N ILE D 15 -6.08 18.21 11.55
CA ILE D 15 -7.13 17.31 11.15
C ILE D 15 -7.67 16.64 12.39
N ILE D 16 -8.98 16.61 12.53
CA ILE D 16 -9.56 16.10 13.75
C ILE D 16 -10.27 14.78 13.49
N GLY D 17 -10.31 14.36 12.24
CA GLY D 17 -10.87 13.06 11.91
C GLY D 17 -10.94 12.74 10.43
N ALA D 18 -11.54 11.60 10.09
CA ALA D 18 -11.56 11.14 8.72
C ALA D 18 -12.71 10.17 8.42
N THR D 19 -13.01 10.02 7.15
CA THR D 19 -13.96 9.02 6.73
C THR D 19 -13.77 8.62 5.28
N ASP D 20 -14.09 7.36 4.98
CA ASP D 20 -14.02 6.80 3.63
C ASP D 20 -15.39 6.46 3.08
N SER D 21 -16.43 7.00 3.69
CA SER D 21 -17.77 6.58 3.30
C SER D 21 -18.19 7.16 1.95
N SER D 22 -17.61 8.30 1.58
CA SER D 22 -17.95 8.93 0.29
C SER D 22 -17.47 8.07 -0.86
N GLY D 23 -16.67 7.06 -0.53
CA GLY D 23 -15.98 6.24 -1.52
C GLY D 23 -14.54 6.67 -1.71
N GLU D 24 -14.20 7.83 -1.18
CA GLU D 24 -12.84 8.39 -1.27
C GLU D 24 -12.44 8.85 0.12
N LEU D 25 -11.15 8.81 0.47
CA LEU D 25 -10.76 9.29 1.79
C LEU D 25 -10.93 10.82 1.94
N MET D 26 -11.56 11.23 3.05
N MET D 26 -11.56 11.24 3.03
CA MET D 26 -11.76 12.64 3.36
CA MET D 26 -11.66 12.67 3.32
C MET D 26 -11.30 12.95 4.78
C MET D 26 -11.27 12.94 4.76
N PHE D 27 -10.77 14.15 5.00
CA PHE D 27 -10.38 14.56 6.33
C PHE D 27 -11.33 15.63 6.83
N LEU D 28 -11.67 15.57 8.12
CA LEU D 28 -12.39 16.66 8.77
C LEU D 28 -11.35 17.65 9.29
N MET D 29 -11.32 18.82 8.65
CA MET D 29 -10.30 19.81 8.93
C MET D 29 -10.73 20.92 9.87
N LYS D 30 -9.90 21.15 10.88
CA LYS D 30 -10.04 22.32 11.71
C LYS D 30 -9.20 23.42 11.04
N TRP D 31 -9.78 24.61 10.87
CA TRP D 31 -9.08 25.75 10.27
C TRP D 31 -8.66 26.76 11.33
N LYS D 32 -7.54 27.43 11.13
CA LYS D 32 -7.11 28.39 12.11
C LYS D 32 -8.21 29.43 12.37
N ASN D 33 -8.30 29.87 13.62
CA ASN D 33 -9.34 30.81 14.08
C ASN D 33 -10.75 30.60 13.51
N SER D 34 -11.25 29.37 13.61
CA SER D 34 -12.64 29.08 13.26
C SER D 34 -13.09 27.85 14.03
N ASP D 35 -14.39 27.68 14.20
CA ASP D 35 -14.90 26.53 14.94
C ASP D 35 -15.83 25.69 14.07
N GLU D 36 -15.89 26.04 12.79
CA GLU D 36 -16.64 25.23 11.85
C GLU D 36 -15.67 24.43 11.01
N ALA D 37 -15.51 23.16 11.34
CA ALA D 37 -14.64 22.26 10.59
C ALA D 37 -15.43 21.68 9.44
N ASP D 38 -14.76 21.32 8.35
CA ASP D 38 -15.47 20.68 7.23
C ASP D 38 -14.61 19.67 6.47
N LEU D 39 -15.25 18.87 5.63
CA LEU D 39 -14.54 17.78 4.96
C LEU D 39 -13.72 18.30 3.81
N VAL D 40 -12.51 17.80 3.67
CA VAL D 40 -11.73 18.06 2.46
C VAL D 40 -11.22 16.73 1.91
N PRO D 41 -11.05 16.65 0.58
CA PRO D 41 -10.48 15.37 0.13
C PRO D 41 -9.01 15.17 0.57
N ALA D 42 -8.68 13.93 0.90
CA ALA D 42 -7.32 13.56 1.28
C ALA D 42 -6.33 13.94 0.19
N LYS D 43 -6.72 13.73 -1.05
CA LYS D 43 -5.85 14.06 -2.18
C LYS D 43 -5.42 15.53 -2.17
N GLU D 44 -6.35 16.42 -1.81
CA GLU D 44 -6.02 17.84 -1.75
C GLU D 44 -5.17 18.19 -0.52
N ALA D 45 -5.52 17.61 0.62
CA ALA D 45 -4.78 17.83 1.86
C ALA D 45 -3.34 17.34 1.79
N ASN D 46 -3.12 16.20 1.14
CA ASN D 46 -1.80 15.61 1.05
C ASN D 46 -0.85 16.57 0.37
N VAL D 47 -1.39 17.33 -0.57
CA VAL D 47 -0.62 18.24 -1.39
C VAL D 47 -0.47 19.60 -0.69
N LYS D 48 -1.59 20.14 -0.24
CA LYS D 48 -1.63 21.46 0.33
C LYS D 48 -1.11 21.56 1.76
N CYS D 49 -1.25 20.49 2.56
CA CYS D 49 -0.69 20.54 3.90
C CYS D 49 -0.19 19.16 4.34
N PRO D 50 0.83 18.63 3.64
CA PRO D 50 1.33 17.28 3.94
C PRO D 50 1.74 17.08 5.39
N GLN D 51 2.31 18.07 6.08
CA GLN D 51 2.78 17.83 7.44
C GLN D 51 1.61 17.70 8.41
N VAL D 52 0.52 18.40 8.10
CA VAL D 52 -0.69 18.30 8.89
C VAL D 52 -1.33 16.92 8.75
N VAL D 53 -1.34 16.40 7.52
CA VAL D 53 -1.76 15.03 7.28
C VAL D 53 -0.84 14.04 8.02
N ILE D 54 0.47 14.23 7.89
CA ILE D 54 1.41 13.30 8.50
C ILE D 54 1.24 13.32 10.03
N SER D 55 1.03 14.51 10.60
N SER D 55 1.05 14.51 10.59
CA SER D 55 0.87 14.60 12.05
CA SER D 55 0.87 14.62 12.04
C SER D 55 -0.34 13.80 12.50
C SER D 55 -0.32 13.78 12.49
N PHE D 56 -1.41 13.88 11.73
CA PHE D 56 -2.63 13.11 12.02
C PHE D 56 -2.40 11.60 12.01
N TYR D 57 -1.73 11.10 10.97
CA TYR D 57 -1.46 9.68 10.86
C TYR D 57 -0.48 9.21 11.94
N GLU D 58 0.56 10.01 12.17
CA GLU D 58 1.63 9.61 13.09
C GLU D 58 1.07 9.39 14.49
N GLU D 59 0.15 10.25 14.86
CA GLU D 59 -0.42 10.16 16.18
C GLU D 59 -1.31 8.90 16.36
N ARG D 60 -1.75 8.33 15.24
CA ARG D 60 -2.60 7.13 15.24
C ARG D 60 -1.91 5.80 14.88
N LEU D 61 -0.61 5.87 14.64
CA LEU D 61 0.16 4.69 14.29
C LEU D 61 0.36 3.80 15.51
N THR D 62 0.04 2.53 15.38
CA THR D 62 0.37 1.56 16.42
C THR D 62 0.79 0.26 15.76
N TRP D 63 1.02 -0.78 16.56
CA TRP D 63 1.52 -2.07 16.04
C TRP D 63 0.62 -3.16 16.57
N HIS D 64 0.19 -4.05 15.68
CA HIS D 64 -0.46 -5.29 16.12
C HIS D 64 0.52 -6.47 16.02
N SER D 65 0.18 -7.61 16.60
CA SER D 65 1.12 -8.73 16.67
C SER D 65 0.60 -9.99 16.01
N TYR D 66 1.52 -10.82 15.54
CA TYR D 66 1.25 -12.20 15.13
C TYR D 66 2.29 -13.12 15.78
N PRO D 67 1.84 -14.15 16.50
CA PRO D 67 0.45 -14.31 16.95
C PRO D 67 0.16 -13.35 18.14
N ASN E 2 18.03 -6.35 14.55
CA ASN E 2 17.21 -7.47 14.11
C ASN E 2 16.67 -7.31 12.68
N VAL E 3 16.91 -8.33 11.86
CA VAL E 3 16.47 -8.33 10.47
C VAL E 3 15.37 -9.36 10.25
N SER E 4 14.47 -9.05 9.32
CA SER E 4 13.39 -9.95 8.94
C SER E 4 13.34 -10.03 7.43
N LEU E 5 12.53 -10.94 6.92
CA LEU E 5 12.30 -11.03 5.48
C LEU E 5 11.10 -10.19 5.08
N TYR E 6 11.25 -9.43 4.00
CA TYR E 6 10.18 -8.59 3.46
C TYR E 6 9.87 -9.04 2.05
N PRO E 7 8.59 -9.24 1.74
CA PRO E 7 8.23 -9.63 0.37
C PRO E 7 8.29 -8.44 -0.59
N VAL E 8 8.82 -8.67 -1.78
CA VAL E 8 8.95 -7.65 -2.79
C VAL E 8 8.58 -8.28 -4.12
N VAL E 9 7.98 -7.50 -5.00
CA VAL E 9 7.68 -7.99 -6.34
C VAL E 9 8.60 -7.27 -7.28
N LYS E 10 9.58 -7.99 -7.82
CA LYS E 10 10.58 -7.38 -8.68
C LYS E 10 10.14 -7.47 -10.12
N ILE E 11 9.97 -6.29 -10.72
CA ILE E 11 9.54 -6.17 -12.11
C ILE E 11 10.61 -5.45 -12.96
N ARG E 12 10.91 -6.04 -14.11
CA ARG E 12 11.80 -5.42 -15.07
C ARG E 12 10.97 -4.59 -16.07
N ARG E 13 11.31 -3.33 -16.26
CA ARG E 13 10.54 -2.50 -17.18
C ARG E 13 10.61 -2.98 -18.65
N LEU E 14 9.47 -3.05 -19.32
CA LEU E 14 9.44 -3.40 -20.74
C LEU E 14 10.26 -2.45 -21.62
N SER E 15 10.85 -3.00 -22.67
CA SER E 15 11.45 -2.23 -23.75
C SER E 15 10.95 -2.75 -25.10
N THR F 1 6.74 -16.84 23.89
CA THR F 1 6.04 -16.79 22.63
C THR F 1 6.79 -15.88 21.69
N ASN F 2 7.21 -16.42 20.55
CA ASN F 2 7.89 -15.60 19.57
C ASN F 2 6.84 -14.79 18.83
N VAL F 3 7.02 -13.47 18.77
CA VAL F 3 6.04 -12.61 18.11
C VAL F 3 6.66 -11.72 17.03
N SER F 4 5.82 -11.27 16.12
CA SER F 4 6.24 -10.37 15.07
C SER F 4 5.22 -9.22 15.06
N LEU F 5 5.69 -7.97 15.02
CA LEU F 5 4.80 -6.80 15.06
C LEU F 5 4.67 -6.18 13.68
N TYR F 6 3.49 -5.63 13.39
CA TYR F 6 3.28 -4.92 12.13
C TYR F 6 2.52 -3.62 12.39
N PRO F 7 2.90 -2.57 11.68
CA PRO F 7 2.32 -1.23 11.87
C PRO F 7 0.90 -1.12 11.27
N VAL F 8 0.04 -0.45 12.04
N VAL F 8 0.01 -0.54 12.07
CA VAL F 8 -1.33 -0.23 11.65
CA VAL F 8 -1.35 -0.22 11.65
C VAL F 8 -1.68 1.21 12.01
C VAL F 8 -1.66 1.22 12.00
N VAL F 9 -2.53 1.84 11.22
CA VAL F 9 -2.98 3.18 11.56
C VAL F 9 -4.47 3.14 11.95
N LYS F 10 -4.83 3.42 13.20
CA LYS F 10 -6.21 3.25 13.65
C LYS F 10 -7.01 4.54 13.50
N ILE F 11 -8.08 4.49 12.71
CA ILE F 11 -8.84 5.71 12.45
C ILE F 11 -10.29 5.49 12.85
N ARG F 12 -10.87 6.47 13.54
CA ARG F 12 -12.32 6.45 13.79
C ARG F 12 -13.07 6.88 12.50
N ARG F 13 -13.90 6.01 11.96
CA ARG F 13 -14.76 6.42 10.85
C ARG F 13 -15.79 7.47 11.31
N LEU F 14 -15.66 8.71 10.82
CA LEU F 14 -16.68 9.76 11.07
C LEU F 14 -17.89 9.70 10.13
N SER F 15 -18.84 10.62 10.31
CA SER F 15 -20.01 10.72 9.42
C SER F 15 -19.84 11.83 8.39
N LEU F 16 -20.74 11.88 7.42
CA LEU F 16 -20.70 12.82 6.29
C LEU F 16 -19.60 12.51 5.27
#